data_8CXD
#
_entry.id   8CXD
#
_cell.length_a   117.725
_cell.length_b   62.577
_cell.length_c   74.722
_cell.angle_alpha   90.000
_cell.angle_beta   126.347
_cell.angle_gamma   90.000
#
_symmetry.space_group_name_H-M   'C 1 2 1'
#
loop_
_entity.id
_entity.type
_entity.pdbx_description
1 polymer 'Thiol:disulfide interchange protein DsbA'
2 non-polymer 'COPPER (II) ION'
3 non-polymer phenylmethanol
4 water water
#
_entity_poly.entity_id   1
_entity_poly.type   'polypeptide(L)'
_entity_poly.pdbx_seq_one_letter_code
;AQYEDGKQYTTLEKPVAGAPQVLEFFSFFCPHCYQFEEVLHISDNVKKKLPEGVKMTKYHVNFMGGDLGKDLTQAWAVAM
ALGVEDKVTVPLFEGVQKTQTIRSASDIRDVFINAGIKGEEYDAAWNSFVVKSLVAQQEKAAADVQLRGVPAMFVNGKYQ
LNPQGMDTSNMDVFVQQYADTVKYLSEKK
;
_entity_poly.pdbx_strand_id   A,B
#
loop_
_chem_comp.id
_chem_comp.type
_chem_comp.name
_chem_comp.formula
010 non-polymer phenylmethanol 'C7 H8 O'
CU non-polymer 'COPPER (II) ION' 'Cu 2'
#
# COMPACT_ATOMS: atom_id res chain seq x y z
N ALA A 1 26.44 -0.10 -22.42
CA ALA A 1 26.49 -1.34 -21.68
C ALA A 1 25.09 -1.73 -21.22
N GLN A 2 24.90 -3.00 -20.85
CA GLN A 2 23.59 -3.42 -20.37
C GLN A 2 23.25 -2.75 -19.03
N TYR A 3 24.18 -2.79 -18.07
CA TYR A 3 24.01 -2.09 -16.80
C TYR A 3 24.81 -0.80 -16.86
N GLU A 4 24.20 0.32 -16.47
CA GLU A 4 24.86 1.62 -16.59
C GLU A 4 24.61 2.43 -15.34
N ASP A 5 25.70 3.01 -14.82
CA ASP A 5 25.60 4.00 -13.76
C ASP A 5 24.66 5.13 -14.17
N GLY A 6 23.69 5.43 -13.32
CA GLY A 6 22.66 6.41 -13.62
C GLY A 6 21.40 5.83 -14.20
N LYS A 7 21.41 4.56 -14.59
CA LYS A 7 20.21 3.89 -15.08
C LYS A 7 19.62 2.99 -14.00
N GLN A 8 20.08 1.74 -13.91
CA GLN A 8 19.57 0.80 -12.92
C GLN A 8 20.13 1.03 -11.53
N TYR A 9 21.18 1.84 -11.39
CA TYR A 9 21.81 2.06 -10.10
C TYR A 9 22.55 3.39 -10.16
N THR A 10 22.90 3.92 -8.99
CA THR A 10 23.78 5.07 -8.89
C THR A 10 24.93 4.73 -7.94
N THR A 11 25.96 5.57 -7.95
CA THR A 11 27.16 5.34 -7.16
C THR A 11 27.30 6.41 -6.10
N LEU A 12 27.45 6.00 -4.85
CA LEU A 12 27.56 6.95 -3.76
C LEU A 12 28.84 7.74 -3.90
N GLU A 13 28.77 9.05 -3.62
CA GLU A 13 29.96 9.89 -3.68
C GLU A 13 30.97 9.47 -2.63
N LYS A 14 30.50 9.09 -1.45
CA LYS A 14 31.37 8.64 -0.36
C LYS A 14 30.97 7.22 0.03
N PRO A 15 31.66 6.20 -0.48
CA PRO A 15 31.27 4.82 -0.15
C PRO A 15 31.52 4.51 1.32
N VAL A 16 30.79 3.52 1.81
CA VAL A 16 30.69 3.20 3.23
C VAL A 16 31.52 1.95 3.51
N ALA A 17 32.50 2.08 4.39
CA ALA A 17 33.35 0.94 4.74
C ALA A 17 32.67 0.06 5.78
N GLY A 18 32.80 -1.25 5.62
CA GLY A 18 32.22 -2.18 6.57
C GLY A 18 30.73 -2.33 6.43
N ALA A 19 30.16 -1.83 5.35
CA ALA A 19 28.72 -1.92 5.15
C ALA A 19 28.31 -3.37 4.87
N PRO A 20 27.08 -3.74 5.23
CA PRO A 20 26.59 -5.06 4.82
C PRO A 20 26.63 -5.20 3.30
N GLN A 21 26.78 -6.44 2.84
CA GLN A 21 26.88 -6.66 1.40
C GLN A 21 25.65 -6.12 0.68
N VAL A 22 24.47 -6.40 1.21
CA VAL A 22 23.21 -5.97 0.61
C VAL A 22 22.37 -5.39 1.75
N LEU A 23 22.09 -4.09 1.69
CA LEU A 23 21.45 -3.38 2.80
C LEU A 23 20.17 -2.73 2.30
N GLU A 24 19.04 -3.14 2.86
CA GLU A 24 17.74 -2.61 2.50
C GLU A 24 17.22 -1.74 3.65
N PHE A 25 16.62 -0.60 3.31
CA PHE A 25 15.94 0.24 4.29
C PHE A 25 14.46 0.28 3.96
N PHE A 26 13.62 0.20 5.00
CA PHE A 26 12.18 0.23 4.80
C PHE A 26 11.50 0.86 6.01
N SER A 27 10.19 1.13 5.87
CA SER A 27 9.38 1.44 7.03
C SER A 27 8.06 0.69 6.94
N PHE A 28 7.58 0.20 8.09
CA PHE A 28 6.24 -0.38 8.12
C PHE A 28 5.15 0.66 7.88
N PHE A 29 5.49 1.95 7.96
CA PHE A 29 4.57 3.05 7.66
C PHE A 29 4.53 3.44 6.19
N CYS A 30 5.35 2.84 5.36
CA CYS A 30 5.63 3.33 4.02
C CYS A 30 4.78 2.57 3.02
N PRO A 31 3.82 3.22 2.34
CA PRO A 31 2.99 2.47 1.40
C PRO A 31 3.79 1.79 0.31
N HIS A 32 4.82 2.45 -0.23
CA HIS A 32 5.63 1.79 -1.25
C HIS A 32 6.39 0.59 -0.67
N CYS A 33 6.80 0.67 0.59
CA CYS A 33 7.44 -0.48 1.22
C CYS A 33 6.47 -1.65 1.35
N TYR A 34 5.20 -1.37 1.67
CA TYR A 34 4.20 -2.44 1.70
C TYR A 34 4.10 -3.11 0.34
N GLN A 35 4.01 -2.32 -0.74
CA GLN A 35 3.99 -2.88 -2.08
C GLN A 35 5.26 -3.67 -2.35
N PHE A 36 6.40 -3.08 -2.01
CA PHE A 36 7.72 -3.70 -2.23
C PHE A 36 7.77 -5.08 -1.61
N GLU A 37 7.32 -5.20 -0.37
CA GLU A 37 7.51 -6.42 0.40
C GLU A 37 6.33 -7.37 0.23
N GLU A 38 5.09 -6.87 0.30
CA GLU A 38 3.94 -7.76 0.39
C GLU A 38 3.33 -8.09 -0.96
N VAL A 39 3.52 -7.25 -1.98
CA VAL A 39 2.97 -7.46 -3.31
C VAL A 39 4.05 -7.90 -4.29
N LEU A 40 5.17 -7.17 -4.35
CA LEU A 40 6.23 -7.51 -5.28
C LEU A 40 7.24 -8.51 -4.72
N HIS A 41 7.35 -8.63 -3.39
CA HIS A 41 8.28 -9.55 -2.75
C HIS A 41 9.71 -9.34 -3.25
N ILE A 42 10.15 -8.08 -3.24
CA ILE A 42 11.45 -7.78 -3.83
C ILE A 42 12.58 -8.44 -3.04
N SER A 43 12.52 -8.42 -1.70
CA SER A 43 13.61 -8.99 -0.90
C SER A 43 13.76 -10.48 -1.19
N ASP A 44 12.65 -11.22 -1.22
CA ASP A 44 12.70 -12.63 -1.58
C ASP A 44 13.25 -12.83 -2.98
N ASN A 45 12.84 -11.99 -3.94
CA ASN A 45 13.31 -12.18 -5.30
C ASN A 45 14.78 -11.85 -5.42
N VAL A 46 15.23 -10.84 -4.68
CA VAL A 46 16.66 -10.54 -4.61
C VAL A 46 17.42 -11.73 -4.01
N LYS A 47 16.89 -12.32 -2.93
CA LYS A 47 17.56 -13.46 -2.31
C LYS A 47 17.64 -14.66 -3.26
N LYS A 48 16.65 -14.84 -4.14
CA LYS A 48 16.62 -15.99 -5.05
C LYS A 48 17.76 -15.97 -6.07
N LYS A 49 18.36 -14.81 -6.30
CA LYS A 49 19.47 -14.72 -7.25
C LYS A 49 20.81 -14.44 -6.57
N LEU A 50 20.84 -14.20 -5.27
CA LEU A 50 22.08 -13.81 -4.62
C LEU A 50 23.05 -14.99 -4.55
N PRO A 51 24.37 -14.74 -4.71
CA PRO A 51 25.37 -15.82 -4.66
C PRO A 51 25.47 -16.50 -3.30
N GLU A 52 26.40 -17.44 -3.20
CA GLU A 52 26.67 -18.13 -1.94
C GLU A 52 27.38 -17.20 -0.97
N GLY A 53 26.89 -17.15 0.26
CA GLY A 53 27.52 -16.35 1.29
C GLY A 53 27.31 -14.86 1.19
N VAL A 54 26.20 -14.43 0.59
CA VAL A 54 25.84 -13.01 0.52
C VAL A 54 24.56 -12.86 1.32
N LYS A 55 24.62 -12.11 2.42
CA LYS A 55 23.49 -11.97 3.31
C LYS A 55 22.75 -10.66 3.04
N MET A 56 21.42 -10.70 3.19
CA MET A 56 20.58 -9.53 3.07
C MET A 56 20.32 -8.96 4.46
N THR A 57 20.62 -7.68 4.64
CA THR A 57 20.35 -6.96 5.86
C THR A 57 19.23 -5.98 5.59
N LYS A 58 18.21 -5.99 6.43
CA LYS A 58 17.09 -5.06 6.32
C LYS A 58 17.03 -4.23 7.59
N TYR A 59 17.02 -2.90 7.44
CA TYR A 59 16.93 -1.97 8.56
C TYR A 59 15.65 -1.15 8.44
N HIS A 60 15.04 -0.85 9.59
CA HIS A 60 13.87 0.00 9.66
C HIS A 60 14.31 1.46 9.82
N VAL A 61 13.44 2.39 9.45
CA VAL A 61 13.77 3.82 9.55
C VAL A 61 12.79 4.52 10.49
N ASN A 62 13.23 5.63 11.06
CA ASN A 62 12.41 6.37 12.02
C ASN A 62 11.45 7.39 11.36
N PHE A 63 11.83 7.97 10.21
CA PHE A 63 11.26 9.27 9.83
C PHE A 63 9.82 9.21 9.34
N MET A 64 9.20 8.05 9.19
CA MET A 64 7.77 7.99 8.90
C MET A 64 7.03 7.54 10.16
N GLY A 65 5.98 8.27 10.51
CA GLY A 65 5.08 7.84 11.57
C GLY A 65 5.38 8.34 12.98
N GLY A 66 6.29 9.30 13.14
CA GLY A 66 6.42 9.95 14.43
C GLY A 66 6.80 8.98 15.54
N ASP A 67 6.06 9.06 16.65
CA ASP A 67 6.36 8.21 17.81
C ASP A 67 6.29 6.74 17.42
N LEU A 68 5.21 6.37 16.70
CA LEU A 68 5.03 4.97 16.34
C LEU A 68 6.09 4.48 15.38
N GLY A 69 6.54 5.36 14.49
CA GLY A 69 7.66 4.99 13.62
C GLY A 69 8.89 4.58 14.42
N LYS A 70 9.22 5.34 15.47
CA LYS A 70 10.35 4.99 16.31
C LYS A 70 10.09 3.71 17.08
N ASP A 71 8.86 3.52 17.56
CA ASP A 71 8.53 2.26 18.22
C ASP A 71 8.74 1.09 17.27
N LEU A 72 8.42 1.28 16.00
CA LEU A 72 8.58 0.21 15.02
C LEU A 72 10.05 -0.09 14.73
N THR A 73 10.89 0.94 14.72
CA THR A 73 12.33 0.69 14.57
C THR A 73 12.84 -0.11 15.76
N GLN A 74 12.37 0.21 16.97
CA GLN A 74 12.81 -0.52 18.16
C GLN A 74 12.29 -1.96 18.13
N ALA A 75 11.06 -2.16 17.67
CA ALA A 75 10.51 -3.50 17.56
C ALA A 75 11.22 -4.30 16.48
N TRP A 76 11.61 -3.63 15.38
CA TRP A 76 12.41 -4.33 14.38
C TRP A 76 13.75 -4.75 14.98
N ALA A 77 14.33 -3.90 15.82
CA ALA A 77 15.54 -4.31 16.54
C ALA A 77 15.27 -5.54 17.41
N VAL A 78 14.10 -5.60 18.07
CA VAL A 78 13.76 -6.80 18.84
C VAL A 78 13.66 -8.00 17.92
N ALA A 79 13.05 -7.83 16.74
CA ALA A 79 12.92 -8.94 15.80
C ALA A 79 14.27 -9.45 15.35
N MET A 80 15.20 -8.54 15.06
CA MET A 80 16.54 -8.97 14.68
C MET A 80 17.23 -9.67 15.85
N ALA A 81 17.10 -9.13 17.05
CA ALA A 81 17.80 -9.71 18.20
C ALA A 81 17.26 -11.11 18.53
N LEU A 82 15.97 -11.31 18.37
CA LEU A 82 15.37 -12.62 18.65
C LEU A 82 15.38 -13.53 17.44
N GLY A 83 15.71 -13.01 16.26
CA GLY A 83 15.68 -13.80 15.05
C GLY A 83 14.28 -14.19 14.60
N VAL A 84 13.32 -13.28 14.71
CA VAL A 84 11.94 -13.60 14.36
C VAL A 84 11.41 -12.69 13.25
N GLU A 85 12.32 -12.08 12.48
CA GLU A 85 11.91 -11.21 11.37
C GLU A 85 10.87 -11.87 10.48
N ASP A 86 11.05 -13.15 10.16
CA ASP A 86 10.14 -13.83 9.25
C ASP A 86 8.86 -14.31 9.92
N LYS A 87 8.64 -13.99 11.20
CA LYS A 87 7.38 -14.27 11.85
C LYS A 87 6.53 -13.03 12.02
N VAL A 88 7.15 -11.86 12.01
CA VAL A 88 6.44 -10.63 12.33
C VAL A 88 6.34 -9.65 11.17
N THR A 89 7.05 -9.87 10.05
CA THR A 89 7.05 -8.89 8.98
C THR A 89 5.66 -8.72 8.38
N VAL A 90 4.98 -9.81 8.04
CA VAL A 90 3.66 -9.69 7.44
C VAL A 90 2.66 -9.12 8.44
N PRO A 91 2.53 -9.64 9.67
CA PRO A 91 1.52 -9.05 10.57
C PRO A 91 1.82 -7.61 10.96
N LEU A 92 3.09 -7.19 10.96
CA LEU A 92 3.38 -5.78 11.25
C LEU A 92 2.95 -4.89 10.08
N PHE A 93 3.31 -5.26 8.85
CA PHE A 93 2.82 -4.51 7.68
C PHE A 93 1.30 -4.45 7.66
N GLU A 94 0.65 -5.58 7.88
CA GLU A 94 -0.81 -5.60 7.75
C GLU A 94 -1.45 -4.85 8.91
N GLY A 95 -0.89 -4.99 10.11
CA GLY A 95 -1.45 -4.28 11.26
C GLY A 95 -1.33 -2.76 11.16
N VAL A 96 -0.23 -2.28 10.57
CA VAL A 96 -0.09 -0.84 10.40
C VAL A 96 -0.95 -0.34 9.25
N GLN A 97 -0.90 -1.00 8.09
CA GLN A 97 -1.47 -0.42 6.86
C GLN A 97 -2.78 -1.03 6.39
N LYS A 98 -3.03 -2.31 6.67
CA LYS A 98 -4.25 -2.95 6.16
C LYS A 98 -5.38 -2.83 7.17
N THR A 99 -5.18 -3.35 8.37
CA THR A 99 -6.23 -3.30 9.38
C THR A 99 -6.14 -2.05 10.22
N GLN A 100 -4.98 -1.38 10.23
CA GLN A 100 -4.72 -0.20 11.05
C GLN A 100 -5.11 -0.46 12.52
N THR A 101 -4.78 -1.66 12.99
CA THR A 101 -4.93 -2.03 14.38
C THR A 101 -3.66 -1.81 15.19
N ILE A 102 -2.58 -1.34 14.56
CA ILE A 102 -1.34 -1.05 15.25
C ILE A 102 -1.26 0.47 15.38
N ARG A 103 -1.56 0.97 16.58
CA ARG A 103 -1.52 2.40 16.86
C ARG A 103 -0.65 2.77 18.05
N SER A 104 0.00 1.80 18.70
CA SER A 104 0.75 2.05 19.92
C SER A 104 1.81 0.97 20.07
N ALA A 105 2.77 1.22 20.97
CA ALA A 105 3.80 0.21 21.24
C ALA A 105 3.19 -1.10 21.73
N SER A 106 2.13 -1.02 22.53
CA SER A 106 1.49 -2.25 22.99
C SER A 106 0.90 -3.03 21.82
N ASP A 107 0.32 -2.34 20.83
CA ASP A 107 -0.23 -3.05 19.68
C ASP A 107 0.88 -3.75 18.90
N ILE A 108 2.04 -3.12 18.79
CA ILE A 108 3.16 -3.81 18.15
C ILE A 108 3.51 -5.08 18.93
N ARG A 109 3.64 -4.95 20.24
CA ARG A 109 3.97 -6.08 21.10
C ARG A 109 2.96 -7.22 20.93
N ASP A 110 1.68 -6.88 20.78
CA ASP A 110 0.67 -7.92 20.60
C ASP A 110 0.99 -8.81 19.41
N VAL A 111 1.53 -8.22 18.32
CA VAL A 111 1.89 -9.01 17.14
C VAL A 111 2.91 -10.08 17.52
N PHE A 112 3.91 -9.69 18.31
CA PHE A 112 4.93 -10.65 18.74
C PHE A 112 4.33 -11.73 19.65
N ILE A 113 3.46 -11.33 20.60
CA ILE A 113 2.85 -12.31 21.50
C ILE A 113 2.02 -13.30 20.70
N ASN A 114 1.23 -12.79 19.75
CA ASN A 114 0.40 -13.65 18.92
C ASN A 114 1.24 -14.58 18.06
N ALA A 115 2.42 -14.15 17.63
CA ALA A 115 3.30 -14.99 16.84
C ALA A 115 4.12 -15.96 17.69
N GLY A 116 3.90 -16.01 19.01
CA GLY A 116 4.51 -17.02 19.83
C GLY A 116 5.72 -16.58 20.65
N ILE A 117 6.15 -15.33 20.53
CA ILE A 117 7.22 -14.83 21.39
C ILE A 117 6.67 -14.62 22.80
N LYS A 118 7.35 -15.18 23.80
CA LYS A 118 6.89 -15.04 25.18
C LYS A 118 6.93 -13.58 25.61
N GLY A 119 5.95 -13.19 26.45
CA GLY A 119 5.89 -11.82 26.92
C GLY A 119 7.13 -11.37 27.65
N GLU A 120 7.65 -12.21 28.56
CA GLU A 120 8.85 -11.82 29.29
C GLU A 120 10.04 -11.69 28.35
N GLU A 121 10.09 -12.51 27.31
CA GLU A 121 11.22 -12.44 26.38
C GLU A 121 11.15 -11.18 25.51
N TYR A 122 9.96 -10.84 25.01
CA TYR A 122 9.82 -9.59 24.28
C TYR A 122 10.21 -8.40 25.14
N ASP A 123 9.70 -8.36 26.38
CA ASP A 123 9.98 -7.21 27.23
C ASP A 123 11.46 -7.08 27.58
N ALA A 124 12.12 -8.21 27.89
CA ALA A 124 13.54 -8.16 28.17
C ALA A 124 14.33 -7.63 26.97
N ALA A 125 13.98 -8.10 25.77
CA ALA A 125 14.64 -7.59 24.56
C ALA A 125 14.31 -6.11 24.35
N TRP A 126 13.02 -5.75 24.46
CA TRP A 126 12.60 -4.37 24.22
C TRP A 126 13.39 -3.40 25.08
N ASN A 127 13.67 -3.77 26.32
CA ASN A 127 14.33 -2.88 27.28
C ASN A 127 15.84 -3.03 27.29
N SER A 128 16.39 -3.90 26.44
CA SER A 128 17.81 -4.24 26.50
C SER A 128 18.69 -3.20 25.80
N PHE A 129 19.93 -3.11 26.28
CA PHE A 129 20.92 -2.29 25.60
C PHE A 129 21.36 -2.92 24.29
N VAL A 130 21.27 -4.24 24.15
CA VAL A 130 21.52 -4.84 22.85
C VAL A 130 20.57 -4.23 21.82
N VAL A 131 19.30 -4.07 22.20
CA VAL A 131 18.31 -3.51 21.26
C VAL A 131 18.56 -2.01 21.05
N LYS A 132 18.93 -1.28 22.10
CA LYS A 132 19.25 0.14 21.91
C LYS A 132 20.40 0.30 20.92
N SER A 133 21.40 -0.59 21.01
N SER A 133 21.40 -0.59 21.02
CA SER A 133 22.52 -0.55 20.07
CA SER A 133 22.52 -0.56 20.09
C SER A 133 22.06 -0.84 18.65
C SER A 133 22.06 -0.84 18.66
N LEU A 134 21.15 -1.80 18.49
CA LEU A 134 20.64 -2.11 17.15
C LEU A 134 19.83 -0.95 16.59
N VAL A 135 19.10 -0.24 17.44
CA VAL A 135 18.42 0.97 16.98
C VAL A 135 19.43 1.98 16.49
N ALA A 136 20.48 2.21 17.28
CA ALA A 136 21.53 3.15 16.88
C ALA A 136 22.22 2.68 15.60
N GLN A 137 22.43 1.38 15.46
CA GLN A 137 23.03 0.84 14.24
C GLN A 137 22.21 1.20 13.00
N GLN A 138 20.90 1.01 13.08
CA GLN A 138 20.03 1.31 11.95
C GLN A 138 20.07 2.80 11.62
N GLU A 139 20.10 3.65 12.66
CA GLU A 139 20.13 5.09 12.44
C GLU A 139 21.46 5.51 11.81
N LYS A 140 22.56 4.97 12.33
CA LYS A 140 23.87 5.29 11.78
C LYS A 140 23.98 4.85 10.33
N ALA A 141 23.41 3.69 10.00
CA ALA A 141 23.47 3.20 8.63
C ALA A 141 22.75 4.14 7.68
N ALA A 142 21.58 4.63 8.10
CA ALA A 142 20.86 5.62 7.30
C ALA A 142 21.72 6.85 7.08
N ALA A 143 22.43 7.30 8.13
CA ALA A 143 23.28 8.47 7.97
C ALA A 143 24.39 8.20 6.98
N ASP A 144 24.98 7.01 7.05
CA ASP A 144 26.16 6.71 6.23
C ASP A 144 25.84 6.67 4.75
N VAL A 145 24.63 6.27 4.37
CA VAL A 145 24.25 6.24 2.97
C VAL A 145 23.52 7.52 2.58
N GLN A 146 23.48 8.50 3.46
CA GLN A 146 22.80 9.76 3.20
C GLN A 146 21.36 9.52 2.76
N LEU A 147 20.67 8.66 3.52
CA LEU A 147 19.34 8.20 3.11
C LEU A 147 18.34 9.34 3.00
N ARG A 148 17.59 9.36 1.89
CA ARG A 148 16.59 10.41 1.65
C ARG A 148 15.17 9.89 1.58
N GLY A 149 14.97 8.58 1.51
CA GLY A 149 13.61 8.04 1.42
C GLY A 149 13.68 6.53 1.37
N VAL A 150 12.51 5.91 1.50
CA VAL A 150 12.40 4.46 1.45
C VAL A 150 11.27 4.10 0.50
N PRO A 151 11.27 2.86 -0.05
CA PRO A 151 12.30 1.84 0.14
C PRO A 151 13.61 2.19 -0.57
N ALA A 152 14.72 1.64 -0.08
CA ALA A 152 16.02 1.88 -0.69
C ALA A 152 16.86 0.63 -0.50
N MET A 153 17.81 0.42 -1.41
CA MET A 153 18.73 -0.69 -1.23
C MET A 153 20.11 -0.32 -1.76
N PHE A 154 21.12 -0.74 -1.01
CA PHE A 154 22.51 -0.39 -1.27
C PHE A 154 23.34 -1.66 -1.29
N VAL A 155 24.32 -1.72 -2.20
CA VAL A 155 25.16 -2.90 -2.36
C VAL A 155 26.61 -2.54 -2.05
N ASN A 156 27.22 -3.26 -1.11
CA ASN A 156 28.63 -3.12 -0.77
C ASN A 156 28.98 -1.69 -0.35
N GLY A 157 28.00 -0.98 0.21
CA GLY A 157 28.20 0.39 0.62
C GLY A 157 28.59 1.34 -0.49
N LYS A 158 28.49 0.89 -1.75
CA LYS A 158 28.95 1.69 -2.89
C LYS A 158 27.84 2.06 -3.87
N TYR A 159 26.87 1.18 -4.11
CA TYR A 159 25.91 1.37 -5.18
C TYR A 159 24.49 1.40 -4.64
N GLN A 160 23.68 2.30 -5.18
CA GLN A 160 22.31 2.45 -4.73
C GLN A 160 21.37 2.04 -5.85
N LEU A 161 20.44 1.14 -5.56
CA LEU A 161 19.51 0.68 -6.58
C LEU A 161 18.67 1.86 -7.06
N ASN A 162 18.39 1.90 -8.36
CA ASN A 162 17.67 3.03 -8.94
C ASN A 162 16.43 2.50 -9.65
N PRO A 163 15.39 2.12 -8.91
CA PRO A 163 14.20 1.57 -9.58
C PRO A 163 13.58 2.54 -10.56
N GLN A 164 13.75 3.86 -10.36
CA GLN A 164 13.19 4.84 -11.28
C GLN A 164 13.84 4.77 -12.67
N GLY A 165 15.01 4.16 -12.79
CA GLY A 165 15.65 3.93 -14.06
C GLY A 165 15.41 2.56 -14.67
N MET A 166 14.59 1.72 -14.04
CA MET A 166 14.29 0.39 -14.56
C MET A 166 13.02 0.39 -15.40
N ASP A 167 12.78 -0.76 -16.04
CA ASP A 167 11.58 -0.98 -16.85
C ASP A 167 10.39 -1.15 -15.92
N THR A 168 9.52 -0.13 -15.88
CA THR A 168 8.33 -0.16 -15.04
C THR A 168 7.08 -0.55 -15.81
N SER A 169 7.22 -1.04 -17.05
CA SER A 169 6.04 -1.30 -17.88
C SER A 169 5.33 -2.61 -17.53
N ASN A 170 6.00 -3.49 -16.79
CA ASN A 170 5.45 -4.79 -16.42
C ASN A 170 6.03 -5.17 -15.07
N MET A 171 5.19 -5.54 -14.11
CA MET A 171 5.70 -5.70 -12.75
C MET A 171 6.67 -6.90 -12.64
N ASP A 172 6.45 -7.97 -13.39
CA ASP A 172 7.41 -9.08 -13.37
C ASP A 172 8.74 -8.69 -14.02
N VAL A 173 8.70 -8.00 -15.15
CA VAL A 173 9.95 -7.55 -15.76
C VAL A 173 10.70 -6.63 -14.79
N PHE A 174 9.96 -5.75 -14.10
CA PHE A 174 10.58 -4.83 -13.14
C PHE A 174 11.27 -5.58 -11.99
N VAL A 175 10.54 -6.51 -11.35
CA VAL A 175 11.11 -7.25 -10.21
C VAL A 175 12.34 -8.05 -10.65
N GLN A 176 12.27 -8.64 -11.83
CA GLN A 176 13.42 -9.42 -12.32
C GLN A 176 14.62 -8.51 -12.55
N GLN A 177 14.39 -7.36 -13.19
CA GLN A 177 15.49 -6.42 -13.43
CA GLN A 177 15.50 -6.43 -13.43
C GLN A 177 16.09 -5.95 -12.11
N TYR A 178 15.25 -5.68 -11.12
CA TYR A 178 15.75 -5.22 -9.83
C TYR A 178 16.65 -6.29 -9.21
N ALA A 179 16.18 -7.53 -9.18
CA ALA A 179 16.95 -8.61 -8.59
C ALA A 179 18.23 -8.87 -9.40
N ASP A 180 18.11 -8.83 -10.73
CA ASP A 180 19.28 -9.02 -11.60
C ASP A 180 20.31 -7.92 -11.37
N THR A 181 19.84 -6.69 -11.14
CA THR A 181 20.76 -5.59 -10.91
C THR A 181 21.51 -5.76 -9.59
N VAL A 182 20.80 -6.19 -8.54
CA VAL A 182 21.47 -6.45 -7.26
C VAL A 182 22.56 -7.48 -7.44
N LYS A 183 22.26 -8.57 -8.15
CA LYS A 183 23.29 -9.59 -8.37
C LYS A 183 24.48 -9.03 -9.14
N TYR A 184 24.24 -8.25 -10.19
CA TYR A 184 25.33 -7.66 -10.95
C TYR A 184 26.20 -6.79 -10.04
N LEU A 185 25.56 -5.98 -9.20
CA LEU A 185 26.30 -5.08 -8.33
C LEU A 185 27.08 -5.86 -7.28
N SER A 186 26.52 -6.97 -6.79
CA SER A 186 27.23 -7.75 -5.77
C SER A 186 28.55 -8.29 -6.31
N GLU A 187 28.62 -8.57 -7.61
CA GLU A 187 29.82 -9.08 -8.23
C GLU A 187 30.72 -7.99 -8.81
N LYS A 188 30.37 -6.72 -8.63
CA LYS A 188 31.04 -5.61 -9.31
C LYS A 188 32.24 -5.07 -8.54
N ALA B 1 -20.81 20.49 19.57
CA ALA B 1 -21.60 19.84 18.54
C ALA B 1 -21.09 18.45 18.18
N GLN B 2 -21.98 17.59 17.66
CA GLN B 2 -21.52 16.25 17.29
C GLN B 2 -20.58 16.30 16.10
N TYR B 3 -21.00 16.93 15.01
CA TYR B 3 -20.17 17.00 13.82
C TYR B 3 -19.38 18.30 13.85
N GLU B 4 -18.08 18.19 13.63
CA GLU B 4 -17.17 19.33 13.70
C GLU B 4 -16.26 19.26 12.49
N ASP B 5 -16.17 20.38 11.75
CA ASP B 5 -15.24 20.51 10.64
C ASP B 5 -13.83 20.18 11.11
N GLY B 6 -13.17 19.28 10.42
CA GLY B 6 -11.84 18.85 10.83
C GLY B 6 -11.81 17.60 11.67
N LYS B 7 -12.97 17.15 12.17
CA LYS B 7 -13.06 15.92 12.95
C LYS B 7 -13.51 14.78 12.06
N GLN B 8 -14.82 14.60 11.86
CA GLN B 8 -15.32 13.52 11.02
C GLN B 8 -15.15 13.81 9.53
N TYR B 9 -14.87 15.06 9.16
CA TYR B 9 -14.78 15.44 7.75
C TYR B 9 -13.95 16.70 7.65
N THR B 10 -13.53 17.00 6.42
CA THR B 10 -12.93 18.29 6.08
C THR B 10 -13.69 18.89 4.90
N THR B 11 -13.46 20.18 4.68
CA THR B 11 -14.15 20.96 3.65
C THR B 11 -13.15 21.39 2.58
N LEU B 12 -13.46 21.07 1.32
CA LEU B 12 -12.55 21.36 0.22
C LEU B 12 -12.38 22.87 0.02
N GLU B 13 -11.14 23.30 -0.21
CA GLU B 13 -10.88 24.72 -0.47
C GLU B 13 -11.53 25.16 -1.78
N LYS B 14 -11.46 24.33 -2.82
CA LYS B 14 -12.07 24.63 -4.12
C LYS B 14 -13.02 23.52 -4.49
N PRO B 15 -14.32 23.65 -4.20
CA PRO B 15 -15.27 22.57 -4.52
C PRO B 15 -15.45 22.42 -6.02
N VAL B 16 -15.88 21.21 -6.40
CA VAL B 16 -15.99 20.81 -7.80
C VAL B 16 -17.47 20.76 -8.16
N ALA B 17 -17.86 21.50 -9.20
CA ALA B 17 -19.23 21.50 -9.67
C ALA B 17 -19.51 20.25 -10.49
N GLY B 18 -20.71 19.71 -10.35
CA GLY B 18 -21.11 18.51 -11.07
C GLY B 18 -20.56 17.22 -10.52
N ALA B 19 -20.02 17.22 -9.31
CA ALA B 19 -19.47 16.00 -8.74
C ALA B 19 -20.61 15.03 -8.38
N PRO B 20 -20.33 13.73 -8.41
CA PRO B 20 -21.31 12.77 -7.89
C PRO B 20 -21.65 13.07 -6.43
N GLN B 21 -22.88 12.71 -6.03
CA GLN B 21 -23.34 13.04 -4.69
C GLN B 21 -22.44 12.41 -3.62
N VAL B 22 -22.12 11.13 -3.79
CA VAL B 22 -21.26 10.40 -2.85
C VAL B 22 -20.27 9.63 -3.71
N LEU B 23 -19.00 10.01 -3.62
CA LEU B 23 -17.96 9.50 -4.50
C LEU B 23 -16.85 8.85 -3.69
N GLU B 24 -16.65 7.55 -3.90
CA GLU B 24 -15.61 6.78 -3.24
C GLU B 24 -14.51 6.49 -4.26
N PHE B 25 -13.25 6.64 -3.85
CA PHE B 25 -12.10 6.30 -4.65
C PHE B 25 -11.37 5.12 -4.00
N PHE B 26 -10.89 4.18 -4.83
CA PHE B 26 -10.14 3.04 -4.29
C PHE B 26 -9.14 2.58 -5.32
N SER B 27 -8.24 1.70 -4.89
CA SER B 27 -7.35 0.96 -5.78
C SER B 27 -7.34 -0.52 -5.39
N PHE B 28 -7.29 -1.40 -6.40
CA PHE B 28 -7.12 -2.81 -6.09
C PHE B 28 -5.74 -3.13 -5.51
N PHE B 29 -4.78 -2.21 -5.58
CA PHE B 29 -3.48 -2.38 -4.94
C PHE B 29 -3.47 -1.95 -3.48
N CYS B 30 -4.56 -1.37 -2.99
CA CYS B 30 -4.54 -0.64 -1.74
C CYS B 30 -5.03 -1.55 -0.61
N PRO B 31 -4.18 -1.95 0.34
CA PRO B 31 -4.65 -2.87 1.38
C PRO B 31 -5.73 -2.29 2.26
N HIS B 32 -5.63 -1.02 2.65
CA HIS B 32 -6.68 -0.46 3.49
C HIS B 32 -8.00 -0.33 2.73
N CYS B 33 -7.93 -0.13 1.41
CA CYS B 33 -9.15 -0.13 0.60
C CYS B 33 -9.83 -1.49 0.65
N TYR B 34 -9.04 -2.56 0.59
CA TYR B 34 -9.63 -3.89 0.75
C TYR B 34 -10.29 -4.04 2.11
N GLN B 35 -9.60 -3.58 3.16
CA GLN B 35 -10.18 -3.64 4.51
C GLN B 35 -11.49 -2.87 4.60
N PHE B 36 -11.50 -1.62 4.11
CA PHE B 36 -12.72 -0.80 4.12
C PHE B 36 -13.86 -1.50 3.42
N GLU B 37 -13.61 -2.04 2.23
CA GLU B 37 -14.71 -2.48 1.40
C GLU B 37 -15.18 -3.87 1.76
N GLU B 38 -14.25 -4.81 1.91
CA GLU B 38 -14.61 -6.21 2.05
C GLU B 38 -14.66 -6.70 3.49
N VAL B 39 -13.97 -6.06 4.42
CA VAL B 39 -13.90 -6.54 5.79
C VAL B 39 -14.78 -5.74 6.73
N LEU B 40 -14.63 -4.41 6.71
CA LEU B 40 -15.44 -3.54 7.56
C LEU B 40 -16.79 -3.21 6.94
N HIS B 41 -16.96 -3.45 5.63
CA HIS B 41 -18.22 -3.16 4.95
C HIS B 41 -18.62 -1.69 5.06
N ILE B 42 -17.65 -0.78 4.85
CA ILE B 42 -17.95 0.64 5.04
C ILE B 42 -18.98 1.11 4.03
N SER B 43 -18.78 0.78 2.75
CA SER B 43 -19.71 1.26 1.72
C SER B 43 -21.10 0.66 1.90
N ASP B 44 -21.18 -0.63 2.28
CA ASP B 44 -22.49 -1.25 2.56
C ASP B 44 -23.23 -0.48 3.64
N ASN B 45 -22.51 -0.12 4.71
CA ASN B 45 -23.15 0.56 5.83
C ASN B 45 -23.50 2.00 5.47
N VAL B 46 -22.65 2.66 4.66
CA VAL B 46 -23.01 3.98 4.15
C VAL B 46 -24.29 3.90 3.32
N LYS B 47 -24.34 2.97 2.37
N LYS B 47 -24.35 2.96 2.37
CA LYS B 47 -25.50 2.89 1.47
CA LYS B 47 -25.48 2.86 1.47
C LYS B 47 -26.79 2.66 2.25
C LYS B 47 -26.79 2.65 2.23
N LYS B 48 -26.76 1.78 3.25
CA LYS B 48 -27.98 1.47 3.98
C LYS B 48 -28.52 2.66 4.77
N LYS B 49 -27.72 3.69 5.01
CA LYS B 49 -28.19 4.89 5.70
C LYS B 49 -28.36 6.10 4.77
N LEU B 50 -28.05 5.98 3.49
CA LEU B 50 -28.12 7.13 2.60
C LEU B 50 -29.57 7.56 2.42
N PRO B 51 -29.84 8.87 2.31
CA PRO B 51 -31.23 9.32 2.12
C PRO B 51 -31.85 8.81 0.82
N GLU B 52 -33.10 9.19 0.59
CA GLU B 52 -33.80 8.78 -0.62
C GLU B 52 -33.22 9.51 -1.83
N GLY B 53 -32.95 8.75 -2.90
CA GLY B 53 -32.46 9.33 -4.13
C GLY B 53 -31.02 9.78 -4.09
N VAL B 54 -30.20 9.18 -3.24
CA VAL B 54 -28.77 9.46 -3.16
C VAL B 54 -28.03 8.21 -3.56
N LYS B 55 -27.28 8.30 -4.67
CA LYS B 55 -26.56 7.18 -5.26
C LYS B 55 -25.10 7.25 -4.83
N MET B 56 -24.50 6.07 -4.66
CA MET B 56 -23.08 5.95 -4.33
C MET B 56 -22.29 5.64 -5.58
N THR B 57 -21.26 6.42 -5.84
CA THR B 57 -20.38 6.21 -6.98
C THR B 57 -19.02 5.73 -6.46
N LYS B 58 -18.43 4.75 -7.13
N LYS B 58 -18.43 4.76 -7.14
CA LYS B 58 -17.13 4.24 -6.73
CA LYS B 58 -17.13 4.22 -6.74
C LYS B 58 -16.22 4.21 -7.95
C LYS B 58 -16.23 4.22 -7.96
N TYR B 59 -15.10 4.93 -7.86
CA TYR B 59 -14.13 5.03 -8.93
C TYR B 59 -12.78 4.43 -8.52
N HIS B 60 -12.10 3.81 -9.48
CA HIS B 60 -10.74 3.30 -9.31
C HIS B 60 -9.72 4.40 -9.66
N VAL B 61 -8.51 4.29 -9.10
CA VAL B 61 -7.49 5.30 -9.37
C VAL B 61 -6.28 4.65 -10.05
N ASN B 62 -5.54 5.48 -10.79
CA ASN B 62 -4.38 5.06 -11.59
C ASN B 62 -3.09 5.02 -10.78
N PHE B 63 -2.94 5.90 -9.79
CA PHE B 63 -1.63 6.25 -9.27
C PHE B 63 -1.01 5.16 -8.41
N MET B 64 -1.68 4.03 -8.21
CA MET B 64 -1.07 2.86 -7.59
C MET B 64 -0.87 1.78 -8.64
N GLY B 65 0.33 1.22 -8.72
CA GLY B 65 0.55 0.06 -9.58
C GLY B 65 0.97 0.36 -11.00
N GLY B 66 1.31 1.61 -11.31
CA GLY B 66 1.89 1.91 -12.62
C GLY B 66 0.96 1.57 -13.76
N ASP B 67 1.51 0.90 -14.78
CA ASP B 67 0.73 0.55 -15.97
C ASP B 67 -0.41 -0.39 -15.62
N LEU B 68 -0.18 -1.35 -14.72
CA LEU B 68 -1.27 -2.24 -14.31
C LEU B 68 -2.36 -1.49 -13.56
N GLY B 69 -2.00 -0.46 -12.81
CA GLY B 69 -3.01 0.38 -12.18
C GLY B 69 -3.94 1.00 -13.20
N LYS B 70 -3.37 1.49 -14.31
CA LYS B 70 -4.22 2.05 -15.37
C LYS B 70 -5.11 0.97 -15.98
N ASP B 71 -4.58 -0.22 -16.22
CA ASP B 71 -5.42 -1.29 -16.74
C ASP B 71 -6.55 -1.63 -15.77
N LEU B 72 -6.27 -1.57 -14.46
CA LEU B 72 -7.31 -1.89 -13.49
C LEU B 72 -8.39 -0.82 -13.49
N THR B 73 -8.02 0.45 -13.70
CA THR B 73 -9.04 1.49 -13.84
C THR B 73 -9.93 1.22 -15.04
N GLN B 74 -9.34 0.74 -16.14
CA GLN B 74 -10.15 0.43 -17.31
C GLN B 74 -10.99 -0.82 -17.07
N ALA B 75 -10.45 -1.81 -16.37
CA ALA B 75 -11.24 -3.00 -16.05
C ALA B 75 -12.36 -2.68 -15.08
N TRP B 76 -12.13 -1.75 -14.15
CA TRP B 76 -13.22 -1.32 -13.29
C TRP B 76 -14.31 -0.65 -14.12
N ALA B 77 -13.90 0.15 -15.12
CA ALA B 77 -14.89 0.71 -16.04
C ALA B 77 -15.66 -0.41 -16.76
N VAL B 78 -14.96 -1.47 -17.16
CA VAL B 78 -15.66 -2.61 -17.76
C VAL B 78 -16.64 -3.23 -16.75
N ALA B 79 -16.21 -3.37 -15.48
CA ALA B 79 -17.11 -3.96 -14.47
C ALA B 79 -18.37 -3.10 -14.30
N MET B 80 -18.19 -1.79 -14.27
CA MET B 80 -19.30 -0.86 -14.16
C MET B 80 -20.21 -1.00 -15.38
N ALA B 81 -19.61 -1.06 -16.58
CA ALA B 81 -20.39 -1.09 -17.82
C ALA B 81 -21.20 -2.38 -17.93
N LEU B 82 -20.63 -3.50 -17.48
CA LEU B 82 -21.29 -4.80 -17.57
C LEU B 82 -22.15 -5.10 -16.35
N GLY B 83 -22.06 -4.30 -15.30
CA GLY B 83 -22.84 -4.58 -14.10
C GLY B 83 -22.35 -5.80 -13.35
N VAL B 84 -21.04 -6.00 -13.27
CA VAL B 84 -20.49 -7.15 -12.57
C VAL B 84 -19.55 -6.74 -11.42
N GLU B 85 -19.70 -5.49 -10.95
CA GLU B 85 -18.91 -5.07 -9.79
C GLU B 85 -19.01 -6.07 -8.63
N ASP B 86 -20.22 -6.58 -8.34
CA ASP B 86 -20.42 -7.48 -7.22
C ASP B 86 -20.04 -8.93 -7.54
N LYS B 87 -19.39 -9.18 -8.70
CA LYS B 87 -18.81 -10.48 -8.99
C LYS B 87 -17.29 -10.50 -9.10
N VAL B 88 -16.65 -9.38 -9.42
CA VAL B 88 -15.21 -9.38 -9.69
C VAL B 88 -14.39 -8.70 -8.61
N THR B 89 -15.00 -7.99 -7.68
CA THR B 89 -14.20 -7.21 -6.73
C THR B 89 -13.30 -8.11 -5.87
N VAL B 90 -13.86 -9.19 -5.34
CA VAL B 90 -13.05 -10.07 -4.48
C VAL B 90 -11.94 -10.72 -5.28
N PRO B 91 -12.18 -11.32 -6.45
CA PRO B 91 -11.04 -11.92 -7.17
C PRO B 91 -10.00 -10.91 -7.63
N LEU B 92 -10.38 -9.66 -7.90
CA LEU B 92 -9.39 -8.67 -8.30
C LEU B 92 -8.54 -8.23 -7.10
N PHE B 93 -9.18 -7.94 -5.96
CA PHE B 93 -8.42 -7.67 -4.74
C PHE B 93 -7.47 -8.81 -4.41
N GLU B 94 -8.00 -10.05 -4.43
CA GLU B 94 -7.18 -11.16 -3.96
C GLU B 94 -6.09 -11.49 -4.97
N GLY B 95 -6.41 -11.41 -6.26
CA GLY B 95 -5.41 -11.67 -7.28
C GLY B 95 -4.27 -10.69 -7.25
N VAL B 96 -4.55 -9.42 -6.92
CA VAL B 96 -3.45 -8.46 -6.85
C VAL B 96 -2.68 -8.61 -5.54
N GLN B 97 -3.40 -8.71 -4.41
CA GLN B 97 -2.78 -8.56 -3.09
C GLN B 97 -2.55 -9.87 -2.33
N LYS B 98 -3.37 -10.89 -2.54
CA LYS B 98 -3.28 -12.13 -1.77
C LYS B 98 -2.40 -13.17 -2.47
N THR B 99 -2.76 -13.54 -3.71
CA THR B 99 -2.09 -14.59 -4.45
C THR B 99 -1.05 -14.09 -5.46
N GLN B 100 -1.04 -12.80 -5.79
CA GLN B 100 -0.16 -12.27 -6.82
C GLN B 100 -0.30 -13.07 -8.12
N THR B 101 -1.53 -13.43 -8.46
CA THR B 101 -1.83 -14.04 -9.75
C THR B 101 -2.30 -13.03 -10.78
N ILE B 102 -2.42 -11.76 -10.41
CA ILE B 102 -2.79 -10.72 -11.36
C ILE B 102 -1.55 -9.86 -11.56
N ARG B 103 -0.86 -10.08 -12.68
CA ARG B 103 0.37 -9.36 -12.99
C ARG B 103 0.33 -8.70 -14.37
N SER B 104 -0.77 -8.83 -15.10
CA SER B 104 -0.81 -8.32 -16.46
C SER B 104 -2.27 -8.07 -16.82
N ALA B 105 -2.47 -7.33 -17.93
CA ALA B 105 -3.82 -7.09 -18.40
C ALA B 105 -4.53 -8.41 -18.70
N SER B 106 -3.79 -9.40 -19.22
CA SER B 106 -4.40 -10.69 -19.52
C SER B 106 -4.91 -11.39 -18.27
N ASP B 107 -4.18 -11.27 -17.14
CA ASP B 107 -4.65 -11.86 -15.89
C ASP B 107 -5.95 -11.21 -15.42
N ILE B 108 -6.08 -9.90 -15.62
CA ILE B 108 -7.33 -9.22 -15.29
C ILE B 108 -8.49 -9.79 -16.10
N ARG B 109 -8.28 -9.92 -17.41
CA ARG B 109 -9.28 -10.51 -18.30
C ARG B 109 -9.69 -11.90 -17.83
N ASP B 110 -8.71 -12.70 -17.38
CA ASP B 110 -9.03 -14.04 -16.88
C ASP B 110 -10.02 -14.01 -15.73
N VAL B 111 -9.91 -13.01 -14.84
CA VAL B 111 -10.86 -12.91 -13.72
C VAL B 111 -12.28 -12.76 -14.24
N PHE B 112 -12.48 -11.89 -15.22
CA PHE B 112 -13.82 -11.70 -15.77
C PHE B 112 -14.32 -12.97 -16.43
N ILE B 113 -13.46 -13.64 -17.20
CA ILE B 113 -13.86 -14.89 -17.84
C ILE B 113 -14.23 -15.94 -16.81
N ASN B 114 -13.46 -16.01 -15.71
N ASN B 114 -13.45 -16.04 -15.72
CA ASN B 114 -13.71 -17.00 -14.67
CA ASN B 114 -13.75 -17.04 -14.71
C ASN B 114 -15.02 -16.72 -13.96
C ASN B 114 -15.03 -16.73 -13.94
N ALA B 115 -15.45 -15.46 -13.92
CA ALA B 115 -16.72 -15.07 -13.34
C ALA B 115 -17.89 -15.20 -14.32
N GLY B 116 -17.65 -15.75 -15.50
CA GLY B 116 -18.73 -16.08 -16.42
C GLY B 116 -18.93 -15.10 -17.56
N ILE B 117 -18.11 -14.05 -17.65
CA ILE B 117 -18.20 -13.12 -18.77
CA ILE B 117 -18.19 -13.11 -18.76
C ILE B 117 -17.42 -13.67 -19.96
N LYS B 118 -18.05 -13.65 -21.14
CA LYS B 118 -17.39 -14.15 -22.33
C LYS B 118 -16.15 -13.30 -22.66
N GLY B 119 -15.09 -13.96 -23.13
CA GLY B 119 -13.90 -13.21 -23.50
C GLY B 119 -14.20 -12.16 -24.55
N GLU B 120 -15.01 -12.53 -25.56
CA GLU B 120 -15.36 -11.59 -26.64
C GLU B 120 -16.11 -10.40 -26.10
N GLU B 121 -16.93 -10.61 -25.06
CA GLU B 121 -17.70 -9.53 -24.48
C GLU B 121 -16.82 -8.62 -23.65
N TYR B 122 -15.90 -9.20 -22.89
CA TYR B 122 -14.93 -8.38 -22.16
C TYR B 122 -14.16 -7.50 -23.14
N ASP B 123 -13.68 -8.09 -24.23
CA ASP B 123 -12.89 -7.34 -25.20
C ASP B 123 -13.71 -6.24 -25.86
N ALA B 124 -14.96 -6.54 -26.22
CA ALA B 124 -15.81 -5.51 -26.83
C ALA B 124 -16.07 -4.38 -25.85
N ALA B 125 -16.33 -4.72 -24.59
CA ALA B 125 -16.55 -3.68 -23.57
C ALA B 125 -15.29 -2.85 -23.38
N TRP B 126 -14.13 -3.51 -23.30
CA TRP B 126 -12.86 -2.80 -23.09
C TRP B 126 -12.66 -1.67 -24.10
N ASN B 127 -13.05 -1.89 -25.36
CA ASN B 127 -12.84 -0.97 -26.47
C ASN B 127 -14.03 -0.05 -26.73
N SER B 128 -15.05 -0.10 -25.88
CA SER B 128 -16.29 0.62 -26.09
C SER B 128 -16.19 2.09 -25.72
N PHE B 129 -17.05 2.89 -26.35
CA PHE B 129 -17.13 4.30 -25.98
C PHE B 129 -17.61 4.44 -24.54
N VAL B 130 -18.52 3.58 -24.09
CA VAL B 130 -18.97 3.65 -22.70
C VAL B 130 -17.79 3.49 -21.73
N VAL B 131 -16.92 2.53 -22.01
CA VAL B 131 -15.82 2.28 -21.09
C VAL B 131 -14.76 3.38 -21.19
N LYS B 132 -14.46 3.85 -22.41
CA LYS B 132 -13.51 4.95 -22.57
C LYS B 132 -14.01 6.20 -21.86
N SER B 133 -15.31 6.50 -21.98
CA SER B 133 -15.89 7.63 -21.24
C SER B 133 -15.78 7.44 -19.74
N LEU B 134 -16.01 6.22 -19.24
CA LEU B 134 -15.90 5.96 -17.81
C LEU B 134 -14.45 6.13 -17.32
N VAL B 135 -13.47 5.70 -18.13
CA VAL B 135 -12.08 5.93 -17.76
C VAL B 135 -11.81 7.42 -17.64
N ALA B 136 -12.25 8.20 -18.63
CA ALA B 136 -12.05 9.64 -18.58
C ALA B 136 -12.76 10.26 -17.39
N GLN B 137 -13.97 9.78 -17.07
CA GLN B 137 -14.70 10.28 -15.91
C GLN B 137 -13.93 10.03 -14.62
N GLN B 138 -13.43 8.81 -14.45
CA GLN B 138 -12.72 8.46 -13.23
C GLN B 138 -11.44 9.28 -13.08
N GLU B 139 -10.72 9.50 -14.18
CA GLU B 139 -9.49 10.27 -14.12
C GLU B 139 -9.78 11.74 -13.83
N LYS B 140 -10.79 12.32 -14.48
CA LYS B 140 -11.12 13.72 -14.22
C LYS B 140 -11.60 13.94 -12.79
N ALA B 141 -12.41 13.00 -12.27
CA ALA B 141 -12.90 13.15 -10.91
C ALA B 141 -11.76 13.18 -9.90
N ALA B 142 -10.76 12.31 -10.06
CA ALA B 142 -9.60 12.35 -9.18
C ALA B 142 -8.84 13.66 -9.32
N ALA B 143 -8.66 14.14 -10.55
CA ALA B 143 -7.97 15.41 -10.78
C ALA B 143 -8.74 16.57 -10.16
N ASP B 144 -10.07 16.53 -10.23
CA ASP B 144 -10.88 17.65 -9.76
C ASP B 144 -10.75 17.85 -8.25
N VAL B 145 -10.58 16.78 -7.48
CA VAL B 145 -10.36 16.89 -6.04
C VAL B 145 -8.88 16.84 -5.70
N GLN B 146 -8.00 16.85 -6.71
CA GLN B 146 -6.55 16.77 -6.52
C GLN B 146 -6.21 15.61 -5.59
N LEU B 147 -6.78 14.45 -5.90
CA LEU B 147 -6.69 13.29 -5.03
C LEU B 147 -5.25 12.85 -4.82
N ARG B 148 -4.89 12.64 -3.56
CA ARG B 148 -3.52 12.27 -3.23
C ARG B 148 -3.37 10.85 -2.68
N GLY B 149 -4.47 10.18 -2.37
CA GLY B 149 -4.39 8.83 -1.83
C GLY B 149 -5.76 8.24 -1.64
N VAL B 150 -5.76 6.94 -1.38
CA VAL B 150 -6.99 6.16 -1.18
C VAL B 150 -6.81 5.32 0.08
N PRO B 151 -7.91 4.89 0.72
CA PRO B 151 -9.30 5.17 0.37
C PRO B 151 -9.67 6.62 0.62
N ALA B 152 -10.67 7.10 -0.12
CA ALA B 152 -11.16 8.45 0.06
C ALA B 152 -12.64 8.47 -0.30
N MET B 153 -13.37 9.38 0.33
CA MET B 153 -14.75 9.54 -0.10
C MET B 153 -15.15 11.01 0.04
N PHE B 154 -15.91 11.50 -0.94
CA PHE B 154 -16.28 12.91 -1.04
C PHE B 154 -17.79 13.01 -1.18
N VAL B 155 -18.37 14.03 -0.58
CA VAL B 155 -19.80 14.25 -0.62
C VAL B 155 -20.04 15.58 -1.32
N ASN B 156 -20.80 15.52 -2.43
CA ASN B 156 -21.24 16.70 -3.19
C ASN B 156 -20.08 17.58 -3.65
N GLY B 157 -18.90 16.98 -3.87
CA GLY B 157 -17.74 17.72 -4.31
C GLY B 157 -17.29 18.79 -3.34
N LYS B 158 -17.84 18.79 -2.12
CA LYS B 158 -17.56 19.82 -1.13
C LYS B 158 -16.85 19.30 0.12
N TYR B 159 -17.15 18.09 0.55
CA TYR B 159 -16.67 17.57 1.82
C TYR B 159 -15.91 16.28 1.62
N GLN B 160 -14.85 16.08 2.39
CA GLN B 160 -14.04 14.88 2.33
C GLN B 160 -14.11 14.15 3.67
N LEU B 161 -14.43 12.85 3.63
CA LEU B 161 -14.53 12.07 4.86
C LEU B 161 -13.17 12.01 5.55
N ASN B 162 -13.15 12.04 6.88
CA ASN B 162 -11.91 12.05 7.65
C ASN B 162 -11.92 10.93 8.70
N PRO B 163 -11.78 9.67 8.27
CA PRO B 163 -11.80 8.57 9.25
C PRO B 163 -10.73 8.67 10.31
N GLN B 164 -9.60 9.33 10.01
CA GLN B 164 -8.57 9.50 11.02
C GLN B 164 -9.05 10.36 12.19
N GLY B 165 -10.11 11.14 12.00
CA GLY B 165 -10.65 11.88 13.13
C GLY B 165 -11.78 11.19 13.84
N MET B 166 -12.13 9.98 13.44
CA MET B 166 -13.23 9.24 14.02
C MET B 166 -12.71 8.32 15.13
N ASP B 167 -13.62 7.66 15.82
CA ASP B 167 -13.26 6.83 16.96
CA ASP B 167 -13.27 6.82 16.96
C ASP B 167 -12.84 5.45 16.46
N THR B 168 -11.52 5.22 16.42
CA THR B 168 -10.96 3.96 15.93
C THR B 168 -10.82 2.92 17.03
N SER B 169 -11.40 3.17 18.21
CA SER B 169 -11.25 2.27 19.36
C SER B 169 -12.21 1.10 19.31
N ASN B 170 -13.27 1.21 18.50
CA ASN B 170 -14.32 0.20 18.39
C ASN B 170 -14.76 0.21 16.94
N MET B 171 -14.53 -0.91 16.23
CA MET B 171 -14.82 -0.90 14.80
C MET B 171 -16.31 -0.84 14.51
N ASP B 172 -17.15 -1.44 15.37
CA ASP B 172 -18.59 -1.37 15.10
C ASP B 172 -19.10 0.05 15.23
N VAL B 173 -18.66 0.76 16.26
CA VAL B 173 -19.02 2.18 16.40
C VAL B 173 -18.38 3.01 15.29
N PHE B 174 -17.12 2.72 14.94
CA PHE B 174 -16.45 3.44 13.87
C PHE B 174 -17.22 3.33 12.55
N VAL B 175 -17.64 2.12 12.19
CA VAL B 175 -18.33 1.94 10.92
C VAL B 175 -19.62 2.76 10.88
N GLN B 176 -20.41 2.74 11.96
CA GLN B 176 -21.63 3.56 11.95
C GLN B 176 -21.32 5.06 12.01
N GLN B 177 -20.23 5.44 12.68
CA GLN B 177 -19.85 6.85 12.67
C GLN B 177 -19.51 7.31 11.25
N TYR B 178 -18.78 6.50 10.51
CA TYR B 178 -18.50 6.82 9.11
C TYR B 178 -19.81 6.92 8.31
N ALA B 179 -20.69 5.93 8.46
CA ALA B 179 -21.95 5.95 7.71
C ALA B 179 -22.80 7.14 8.10
N ASP B 180 -22.90 7.42 9.41
CA ASP B 180 -23.70 8.57 9.85
C ASP B 180 -23.10 9.88 9.36
N THR B 181 -21.76 9.97 9.27
CA THR B 181 -21.16 11.21 8.78
C THR B 181 -21.50 11.43 7.31
N VAL B 182 -21.45 10.37 6.48
CA VAL B 182 -21.88 10.54 5.08
C VAL B 182 -23.34 10.99 5.01
N LYS B 183 -24.23 10.39 5.84
CA LYS B 183 -25.64 10.79 5.82
C LYS B 183 -25.78 12.26 6.18
N TYR B 184 -25.09 12.68 7.23
CA TYR B 184 -25.13 14.07 7.66
C TYR B 184 -24.64 15.01 6.56
N LEU B 185 -23.52 14.66 5.93
CA LEU B 185 -22.96 15.54 4.90
C LEU B 185 -23.86 15.60 3.67
N SER B 186 -24.49 14.48 3.32
CA SER B 186 -25.35 14.47 2.13
C SER B 186 -26.56 15.39 2.30
N GLU B 187 -27.02 15.61 3.53
CA GLU B 187 -28.14 16.50 3.78
C GLU B 187 -27.71 17.94 4.00
N LYS B 188 -26.40 18.21 3.90
CA LYS B 188 -25.81 19.49 4.26
C LYS B 188 -25.77 20.45 3.07
CU CU C . 14.83 -5.37 -20.19
C 010 D . -0.82 4.49 8.98
O 010 D . -1.67 3.64 9.72
C1 010 D . 0.55 4.20 6.88
C2 010 D . 0.67 3.87 5.54
C3 010 D . -0.42 3.43 4.84
C4 010 D . -1.64 3.30 5.48
C5 010 D . -1.76 3.62 6.82
C6 010 D . -0.66 4.08 7.53
C 010 E . -3.79 -10.53 2.47
O 010 E . -3.41 -9.33 3.14
C1 010 E . -6.02 -11.42 1.69
C2 010 E . -7.20 -11.30 0.97
C3 010 E . -7.45 -10.14 0.26
C4 010 E . -6.55 -9.10 0.28
C5 010 E . -5.37 -9.22 1.01
C6 010 E . -5.09 -10.39 1.72
CU CU F . -18.82 19.73 19.15
C 010 G . 3.68 -2.15 -13.75
O 010 G . 2.29 -1.96 -13.61
C1 010 G . 3.69 -2.30 -11.24
C2 010 G . 4.36 -2.26 -10.02
C3 010 G . 5.72 -2.07 -9.97
C4 010 G . 6.43 -1.93 -11.14
C5 010 G . 5.77 -1.96 -12.36
C6 010 G . 4.40 -2.15 -12.43
C 010 H . -16.76 -10.95 4.94
C 010 H . -16.82 -10.43 4.20
O 010 H . -17.11 -10.23 6.12
O 010 H . -17.08 -9.76 2.97
C1 010 H . -14.97 -12.69 5.32
C1 010 H . -15.34 -12.36 4.84
C2 010 H . -13.66 -13.13 5.25
C2 010 H . -14.13 -13.02 4.83
C3 010 H . -12.67 -12.28 4.80
C3 010 H . -13.04 -12.46 4.20
C4 010 H . -13.00 -10.99 4.41
C4 010 H . -13.16 -11.23 3.58
C5 010 H . -14.31 -10.56 4.47
C5 010 H . -14.38 -10.57 3.59
C6 010 H . -15.31 -11.40 4.92
C6 010 H . -15.49 -11.13 4.21
C 010 I . -17.59 -1.45 -28.85
C 010 I . -17.52 -1.79 -28.59
O 010 I . -18.72 -1.86 -28.09
O 010 I . -16.15 -2.12 -28.75
C1 010 I . -16.83 0.40 -30.38
C1 010 I . -17.12 0.21 -30.09
C2 010 I . -17.00 1.64 -30.97
C2 010 I . -17.44 1.48 -30.52
C3 010 I . -18.12 2.40 -30.68
C3 010 I . -18.49 2.17 -29.96
C4 010 I . -19.06 1.91 -29.80
C4 010 I . -19.23 1.58 -28.95
C5 010 I . -18.90 0.67 -29.22
C5 010 I . -18.91 0.31 -28.51
C6 010 I . -17.78 -0.11 -29.50
C6 010 I . -17.86 -0.39 -29.07
#